data_6V02
#
_entry.id   6V02
#
_cell.length_a   50.780
_cell.length_b   66.220
_cell.length_c   124.530
_cell.angle_alpha   90.00
_cell.angle_beta   100.53
_cell.angle_gamma   90.00
#
_symmetry.space_group_name_H-M   'P 1 21 1'
#
loop_
_entity.id
_entity.type
_entity.pdbx_description
1 polymer 'Cation-independent mannose-6-phosphate receptor'
2 non-polymer 2-acetamido-2-deoxy-beta-D-glucopyranose
3 water water
#
_entity_poly.entity_id   1
_entity_poly.type   'polypeptide(L)'
_entity_poly.pdbx_seq_one_letter_code
;GSTQAAPFPELCSYTWEAVDTKNNVLYKINICGSVDIVQCGPSSAVCMHDLKTRTYHSVGDSVLRSATRSLLEFNTTVSC
DQQGTNHRVQSSIAFLCGKTLGTPEFVTATECVHYFEWRTTAACKKDIFKANKEVPCYVFDEELRKHDLNPLIKLSGAYL
VDDSDPDTSLFINVCRDIDTLRDPGSQLRACPPGTAACLVRGHQAFDVGQPRDGLKLVRKDRLVLSYVREEAGKLDFCDG
HSPAVTITFVCPSERREGTIPKLTAKSNCRYEIEWITEYACHRDYLESKTCSLSGEQQDVSIDLTPLAQSGGSSYISDGK
EYLFYLNVCGETEIQFCNKKQAAVCQVKKSDTSQVKAAGRYHNQTLRYSDGDLTLIYFGGDECSSGFQRMSVINFECNKT
AGNDGKGTPVFTGEVDCTYFFTWDTEYACVKEKEDLLCGATDGKKRYDLSALVRHAEPEQNWEAVDGSQTETEKKHFFIN
ICHRVLQEGKARGCPEDAAVCAVDKNGSKNLGKFISSPMKEKGNIQLSYSDGDDCGHGKKIKTNITLVCKPGDLESAPVL
RTSGEGGCFYEFEWHTAAACVLSKTEGENCTVFDSQAGFSFDLSPLTKKNGAYKVETKKYDFYINVCGPVSVSPCQPDSG
ACQVAKSDEKTWNLGLSNAKLSYYDGMIQLNYRGGTPYNNERHTPRATLITFLCDRDAGVGFPEYQEEDNSTYNFRWYTS
YACPEEALVPR
;
_entity_poly.pdbx_strand_id   A
#
loop_
_chem_comp.id
_chem_comp.type
_chem_comp.name
_chem_comp.formula
NAG D-saccharide, beta linking 2-acetamido-2-deoxy-beta-D-glucopyranose 'C8 H15 N O6'
#
# COMPACT_ATOMS: atom_id res chain seq x y z
N ALA A 6 -7.72 3.53 25.88
CA ALA A 6 -7.56 3.37 24.41
C ALA A 6 -6.10 3.48 23.95
N PRO A 7 -5.18 2.62 24.46
CA PRO A 7 -3.79 2.65 24.02
C PRO A 7 -3.66 2.08 22.61
N PHE A 8 -4.44 1.02 22.32
CA PHE A 8 -4.49 0.37 21.03
C PHE A 8 -3.08 0.00 20.61
N PRO A 9 -2.49 -1.07 21.20
CA PRO A 9 -1.11 -1.48 20.93
C PRO A 9 -0.73 -1.47 19.44
N GLU A 10 -1.64 -1.98 18.59
CA GLU A 10 -1.43 -2.11 17.16
C GLU A 10 -1.10 -0.80 16.42
N LEU A 11 -1.26 0.34 17.10
CA LEU A 11 -1.05 1.66 16.52
C LEU A 11 0.20 2.34 17.07
N CYS A 12 0.83 1.69 18.05
CA CYS A 12 2.13 2.11 18.56
C CYS A 12 3.21 1.89 17.51
N SER A 13 4.42 2.38 17.83
CA SER A 13 5.64 2.17 17.03
C SER A 13 5.65 2.91 15.69
N TYR A 14 4.53 3.56 15.33
CA TYR A 14 4.37 4.27 14.08
C TYR A 14 3.89 5.72 14.30
N THR A 15 4.39 6.64 13.47
CA THR A 15 3.96 8.03 13.45
C THR A 15 3.11 8.23 12.21
N TRP A 16 1.80 8.09 12.40
CA TRP A 16 0.84 8.09 11.30
C TRP A 16 0.76 9.47 10.70
N GLU A 17 0.20 9.54 9.49
CA GLU A 17 0.00 10.79 8.78
C GLU A 17 -1.44 10.94 8.25
N ALA A 18 -1.99 12.15 8.44
CA ALA A 18 -3.27 12.57 7.88
C ALA A 18 -3.13 13.98 7.31
N VAL A 19 -3.93 14.27 6.28
CA VAL A 19 -3.81 15.50 5.50
C VAL A 19 -5.12 16.29 5.45
N ASP A 20 -4.97 17.62 5.44
CA ASP A 20 -6.05 18.57 5.24
C ASP A 20 -5.76 19.22 3.89
N THR A 21 -6.57 18.87 2.88
CA THR A 21 -6.22 19.13 1.48
C THR A 21 -6.34 20.60 1.05
N LYS A 22 -7.27 21.34 1.66
CA LYS A 22 -7.41 22.76 1.34
C LYS A 22 -6.29 23.55 1.99
N ASN A 23 -6.28 23.61 3.33
CA ASN A 23 -5.28 24.39 4.07
C ASN A 23 -3.86 23.97 3.72
N ASN A 24 -3.71 22.74 3.24
CA ASN A 24 -2.44 22.23 2.75
C ASN A 24 -1.50 22.00 3.93
N VAL A 25 -1.98 21.20 4.88
CA VAL A 25 -1.30 20.89 6.13
C VAL A 25 -1.21 19.38 6.24
N LEU A 26 -0.09 18.88 6.75
CA LEU A 26 0.02 17.50 7.18
C LEU A 26 0.06 17.47 8.70
N TYR A 27 -0.76 16.59 9.29
CA TYR A 27 -0.68 16.28 10.72
C TYR A 27 0.00 14.93 10.90
N LYS A 28 0.82 14.82 11.96
CA LYS A 28 1.48 13.58 12.32
C LYS A 28 1.02 13.12 13.70
N ILE A 29 0.36 11.96 13.74
CA ILE A 29 -0.22 11.44 14.97
C ILE A 29 0.66 10.33 15.52
N ASN A 30 0.98 10.41 16.82
CA ASN A 30 1.66 9.34 17.53
C ASN A 30 0.92 9.06 18.84
N ILE A 31 0.04 8.05 18.80
CA ILE A 31 -0.92 7.83 19.88
C ILE A 31 -0.28 7.20 21.12
N CYS A 32 0.76 6.39 20.90
CA CYS A 32 1.42 5.63 21.96
C CYS A 32 2.64 6.31 22.54
N GLY A 33 3.13 7.35 21.86
CA GLY A 33 4.32 8.03 22.29
C GLY A 33 4.38 9.43 21.76
N SER A 34 5.41 9.71 20.96
CA SER A 34 5.74 11.06 20.54
C SER A 34 6.21 11.08 19.10
N VAL A 35 5.75 12.08 18.34
CA VAL A 35 6.32 12.42 17.05
C VAL A 35 7.79 12.75 17.32
N ASP A 36 8.69 12.20 16.50
CA ASP A 36 10.12 12.41 16.66
C ASP A 36 10.60 13.55 15.74
N ILE A 37 10.01 14.73 15.94
CA ILE A 37 10.44 15.98 15.32
C ILE A 37 10.66 16.98 16.45
N VAL A 38 11.88 17.54 16.50
CA VAL A 38 12.26 18.50 17.53
C VAL A 38 11.64 19.88 17.28
N GLN A 39 11.34 20.16 16.01
CA GLN A 39 10.68 21.39 15.59
C GLN A 39 9.26 21.44 16.14
N CYS A 40 8.65 20.27 16.28
CA CYS A 40 7.30 20.13 16.80
C CYS A 40 7.32 20.31 18.31
N GLY A 41 8.25 19.60 18.96
CA GLY A 41 8.47 19.72 20.39
C GLY A 41 8.60 18.35 21.05
N PRO A 42 9.11 18.30 22.29
CA PRO A 42 9.46 17.03 22.93
C PRO A 42 8.30 16.09 23.28
N SER A 43 7.07 16.62 23.32
CA SER A 43 5.94 15.87 23.84
C SER A 43 4.69 15.90 22.95
N SER A 44 4.92 16.13 21.64
CA SER A 44 3.85 16.16 20.66
C SER A 44 3.37 14.76 20.30
N ALA A 45 2.06 14.52 20.48
CA ALA A 45 1.40 13.32 19.97
C ALA A 45 0.60 13.63 18.72
N VAL A 46 0.32 14.92 18.49
CA VAL A 46 -0.27 15.42 17.25
C VAL A 46 0.51 16.64 16.82
N CYS A 47 0.80 16.74 15.52
CA CYS A 47 1.69 17.78 15.01
C CYS A 47 1.22 18.40 13.70
N MET A 48 0.90 19.70 13.74
CA MET A 48 0.62 20.51 12.56
C MET A 48 1.94 20.87 11.89
N HIS A 49 2.03 20.60 10.58
CA HIS A 49 3.12 21.12 9.77
C HIS A 49 2.63 22.40 9.09
N ASP A 50 1.69 22.27 8.15
CA ASP A 50 1.24 23.38 7.32
C ASP A 50 2.40 23.79 6.41
N LEU A 51 2.57 23.02 5.33
CA LEU A 51 3.68 23.20 4.40
C LEU A 51 3.67 24.62 3.88
N LYS A 52 2.52 25.05 3.36
CA LYS A 52 2.29 26.41 2.90
C LYS A 52 2.65 27.39 4.03
N THR A 53 3.84 27.98 3.94
CA THR A 53 4.52 28.68 5.04
C THR A 53 5.03 27.65 6.05
N ARG A 54 6.17 27.02 5.72
CA ARG A 54 6.72 25.92 6.51
C ARG A 54 6.91 26.32 7.96
N THR A 55 6.09 25.73 8.84
CA THR A 55 6.11 25.99 10.28
C THR A 55 5.69 24.73 11.00
N TYR A 56 5.79 24.73 12.33
CA TYR A 56 5.39 23.59 13.15
C TYR A 56 4.68 24.01 14.44
N HIS A 57 3.63 23.24 14.78
CA HIS A 57 2.85 23.46 15.99
C HIS A 57 2.33 22.11 16.52
N SER A 58 2.70 21.77 17.75
CA SER A 58 2.15 20.59 18.45
C SER A 58 0.74 20.93 18.92
N VAL A 59 -0.27 20.37 18.25
CA VAL A 59 -1.67 20.56 18.62
C VAL A 59 -2.20 19.37 19.42
N GLY A 60 -1.33 18.76 20.24
CA GLY A 60 -1.69 17.63 21.08
C GLY A 60 -0.48 17.11 21.82
N ASP A 61 -0.50 17.17 23.15
CA ASP A 61 0.60 16.70 23.98
C ASP A 61 0.35 15.26 24.39
N SER A 62 1.39 14.43 24.26
CA SER A 62 1.32 13.01 24.56
C SER A 62 0.94 12.72 26.02
N VAL A 63 1.42 13.56 26.94
CA VAL A 63 1.12 13.39 28.36
C VAL A 63 -0.33 13.66 28.73
N LEU A 64 -0.92 14.68 28.10
CA LEU A 64 -2.25 15.17 28.45
C LEU A 64 -3.27 14.47 27.61
N ARG A 65 -3.39 13.16 27.82
CA ARG A 65 -4.22 12.30 27.00
C ARG A 65 -5.37 11.74 27.80
N SER A 66 -6.51 11.59 27.14
CA SER A 66 -7.73 11.06 27.74
C SER A 66 -8.65 10.49 26.66
N ALA A 67 -9.55 9.59 27.08
CA ALA A 67 -10.53 8.97 26.20
C ALA A 67 -11.93 9.38 26.64
N THR A 68 -12.91 9.16 25.76
CA THR A 68 -14.32 9.43 26.03
C THR A 68 -15.16 8.72 24.97
N ARG A 69 -15.73 7.57 25.35
CA ARG A 69 -16.41 6.68 24.42
C ARG A 69 -15.47 6.47 23.22
N SER A 70 -15.86 6.93 22.03
CA SER A 70 -15.15 6.65 20.79
C SER A 70 -13.89 7.49 20.62
N LEU A 71 -13.79 8.56 21.40
CA LEU A 71 -12.76 9.57 21.20
C LEU A 71 -11.52 9.29 22.00
N LEU A 72 -10.38 9.72 21.44
CA LEU A 72 -9.13 9.87 22.18
C LEU A 72 -8.77 11.31 21.95
N GLU A 73 -8.33 12.00 23.01
CA GLU A 73 -8.05 13.42 22.93
C GLU A 73 -6.72 13.79 23.56
N PHE A 74 -6.00 14.72 22.92
CA PHE A 74 -4.70 15.21 23.36
C PHE A 74 -4.78 16.73 23.56
N ASN A 75 -4.43 17.19 24.76
CA ASN A 75 -4.52 18.60 25.12
C ASN A 75 -3.18 19.28 25.03
N THR A 76 -3.21 20.62 24.99
CA THR A 76 -2.02 21.45 25.06
C THR A 76 -2.25 22.74 25.82
N THR A 77 -1.16 23.26 26.38
CA THR A 77 -1.19 24.44 27.23
C THR A 77 -1.00 25.71 26.41
N VAL A 78 -1.87 25.92 25.42
CA VAL A 78 -1.78 27.06 24.50
C VAL A 78 -3.12 27.76 24.32
N SER A 79 -3.11 29.08 24.47
CA SER A 79 -4.31 29.91 24.30
C SER A 79 -4.67 30.06 22.84
N CYS A 80 -5.95 30.35 22.58
CA CYS A 80 -6.46 30.66 21.25
C CYS A 80 -7.71 31.57 21.33
N ASP A 81 -8.90 30.97 21.24
CA ASP A 81 -10.19 31.68 21.32
C ASP A 81 -10.40 32.70 20.21
N ASN A 86 -13.47 28.29 24.86
CA ASN A 86 -12.43 28.94 25.65
C ASN A 86 -11.04 28.68 25.01
N HIS A 87 -9.98 28.76 25.82
CA HIS A 87 -8.64 29.08 25.31
C HIS A 87 -7.69 27.93 24.86
N ARG A 88 -7.87 26.72 25.40
CA ARG A 88 -6.86 25.64 25.22
C ARG A 88 -6.94 24.83 23.91
N VAL A 89 -5.80 24.78 23.19
CA VAL A 89 -5.68 24.07 21.91
C VAL A 89 -5.69 22.56 22.15
N GLN A 90 -6.28 21.82 21.21
CA GLN A 90 -6.59 20.40 21.42
C GLN A 90 -6.73 19.63 20.09
N SER A 91 -6.49 18.31 20.16
CA SER A 91 -6.75 17.40 19.04
C SER A 91 -7.46 16.13 19.51
N SER A 92 -8.39 15.63 18.67
CA SER A 92 -9.18 14.44 18.97
C SER A 92 -9.42 13.54 17.76
N ILE A 93 -9.53 12.23 18.04
CA ILE A 93 -9.74 11.23 17.02
C ILE A 93 -10.95 10.43 17.42
N ALA A 94 -11.92 10.34 16.51
CA ALA A 94 -13.08 9.49 16.68
C ALA A 94 -12.77 8.11 16.14
N PHE A 95 -12.75 7.11 17.02
CA PHE A 95 -12.39 5.76 16.65
C PHE A 95 -13.62 4.90 16.34
N LEU A 96 -13.59 4.25 15.18
CA LEU A 96 -14.56 3.24 14.78
C LEU A 96 -13.86 1.92 14.48
N CYS A 97 -14.55 0.80 14.71
CA CYS A 97 -14.06 -0.51 14.35
C CYS A 97 -13.95 -0.59 12.84
N GLY A 98 -12.95 -1.34 12.36
CA GLY A 98 -12.69 -1.49 10.94
C GLY A 98 -11.96 -2.79 10.61
N LYS A 99 -12.05 -3.17 9.32
CA LYS A 99 -11.55 -4.45 8.81
C LYS A 99 -10.01 -4.50 8.64
N THR A 100 -9.40 -3.33 8.43
CA THR A 100 -7.96 -3.18 8.38
C THR A 100 -7.49 -2.19 9.44
N LEU A 101 -6.17 -2.07 9.61
CA LEU A 101 -5.54 -1.21 10.62
C LEU A 101 -5.82 0.26 10.29
N GLY A 102 -5.98 0.53 8.98
CA GLY A 102 -6.48 1.80 8.47
C GLY A 102 -5.53 2.95 8.61
N THR A 103 -6.02 4.15 8.30
CA THR A 103 -5.32 5.41 8.49
C THR A 103 -6.24 6.44 9.13
N PRO A 104 -5.70 7.42 9.89
CA PRO A 104 -6.48 8.55 10.37
C PRO A 104 -6.78 9.54 9.25
N GLU A 105 -8.05 9.95 9.12
CA GLU A 105 -8.46 11.01 8.18
C GLU A 105 -8.90 12.27 8.93
N PHE A 106 -8.43 13.42 8.44
CA PHE A 106 -8.73 14.73 8.98
C PHE A 106 -10.20 15.04 8.76
N VAL A 107 -10.80 15.71 9.75
CA VAL A 107 -12.21 16.03 9.72
C VAL A 107 -12.32 17.52 9.54
N THR A 108 -11.85 18.28 10.54
CA THR A 108 -11.93 19.73 10.53
C THR A 108 -11.11 20.33 11.65
N ALA A 109 -10.81 21.64 11.50
CA ALA A 109 -10.00 22.37 12.46
C ALA A 109 -10.47 23.80 12.65
N THR A 110 -10.43 24.27 13.91
CA THR A 110 -10.58 25.68 14.25
C THR A 110 -9.28 26.14 14.90
N GLU A 111 -9.19 27.44 15.21
CA GLU A 111 -8.00 28.00 15.85
C GLU A 111 -7.63 27.29 17.16
N CYS A 112 -8.55 26.47 17.70
CA CYS A 112 -8.36 25.70 18.93
C CYS A 112 -8.39 24.18 18.72
N VAL A 113 -9.46 23.67 18.11
CA VAL A 113 -9.68 22.21 17.97
C VAL A 113 -9.24 21.64 16.61
N HIS A 114 -8.80 20.38 16.63
CA HIS A 114 -8.40 19.65 15.43
C HIS A 114 -8.89 18.22 15.53
N TYR A 115 -9.88 17.89 14.70
CA TYR A 115 -10.62 16.64 14.80
C TYR A 115 -10.28 15.69 13.67
N PHE A 116 -10.32 14.39 14.00
CA PHE A 116 -10.05 13.31 13.08
C PHE A 116 -11.00 12.18 13.36
N GLU A 117 -10.99 11.19 12.47
CA GLU A 117 -11.66 9.92 12.65
C GLU A 117 -10.81 8.83 12.01
N TRP A 118 -10.81 7.64 12.64
CA TRP A 118 -9.97 6.52 12.27
C TRP A 118 -10.78 5.24 12.40
N ARG A 119 -11.00 4.58 11.26
CA ARG A 119 -11.68 3.31 11.23
C ARG A 119 -10.61 2.21 11.17
N THR A 120 -10.50 1.41 12.23
CA THR A 120 -9.40 0.46 12.38
C THR A 120 -9.75 -0.82 13.15
N THR A 121 -9.00 -1.88 12.87
CA THR A 121 -9.09 -3.13 13.61
C THR A 121 -8.83 -2.87 15.08
N ALA A 122 -7.94 -1.92 15.35
CA ALA A 122 -7.50 -1.62 16.72
C ALA A 122 -8.58 -0.97 17.57
N ALA A 123 -9.73 -0.65 16.98
CA ALA A 123 -10.89 -0.13 17.71
C ALA A 123 -12.07 -1.10 17.68
N CYS A 124 -11.77 -2.41 17.72
CA CYS A 124 -12.78 -3.47 17.79
C CYS A 124 -12.57 -4.20 19.12
N LYS A 125 -13.66 -4.48 19.83
CA LYS A 125 -13.59 -5.07 21.17
C LYS A 125 -13.48 -6.60 21.17
N LYS A 126 -13.50 -7.20 19.97
CA LYS A 126 -13.12 -8.60 19.79
C LYS A 126 -11.93 -8.70 18.83
N ASP A 127 -11.02 -9.65 19.13
CA ASP A 127 -9.71 -9.74 18.52
C ASP A 127 -9.66 -10.74 17.35
N ILE A 128 -10.75 -11.51 17.16
CA ILE A 128 -10.94 -12.38 15.99
C ILE A 128 -10.74 -11.62 14.67
N PHE A 129 -11.13 -10.34 14.66
CA PHE A 129 -11.06 -9.48 13.49
C PHE A 129 -9.63 -8.96 13.22
N LYS A 130 -8.79 -8.98 14.26
CA LYS A 130 -7.44 -8.44 14.20
C LYS A 130 -6.46 -9.41 13.52
N ALA A 131 -5.44 -8.83 12.88
CA ALA A 131 -4.36 -9.57 12.27
C ALA A 131 -3.34 -9.91 13.33
N ASN A 132 -2.75 -11.11 13.20
CA ASN A 132 -1.56 -11.52 13.94
C ASN A 132 -0.55 -10.36 13.94
N LYS A 133 -0.38 -9.72 12.78
CA LYS A 133 0.43 -8.52 12.62
C LYS A 133 0.07 -7.84 11.31
N GLU A 134 -0.35 -6.56 11.39
CA GLU A 134 -0.64 -5.71 10.25
C GLU A 134 0.20 -4.44 10.37
N VAL A 135 0.47 -3.78 9.24
CA VAL A 135 1.31 -2.58 9.19
C VAL A 135 0.63 -1.44 8.44
N PRO A 136 1.07 -0.17 8.61
CA PRO A 136 0.54 0.94 7.82
C PRO A 136 0.71 0.66 6.32
N CYS A 137 -0.37 0.86 5.57
CA CYS A 137 -0.46 0.47 4.18
C CYS A 137 -0.74 1.68 3.28
N TYR A 138 -0.05 2.78 3.59
CA TYR A 138 -0.26 4.06 2.95
C TYR A 138 1.08 4.80 2.92
N VAL A 139 1.19 5.79 2.02
CA VAL A 139 2.22 6.81 2.08
C VAL A 139 1.71 8.14 1.52
N PHE A 140 2.48 9.21 1.79
CA PHE A 140 2.25 10.50 1.19
C PHE A 140 3.45 10.88 0.34
N ASP A 141 3.17 11.38 -0.87
CA ASP A 141 4.22 11.78 -1.81
C ASP A 141 4.55 13.25 -1.64
N GLU A 142 5.42 13.75 -2.53
CA GLU A 142 5.95 15.12 -2.49
C GLU A 142 4.87 16.20 -2.44
N GLU A 143 3.71 15.92 -3.06
CA GLU A 143 2.55 16.83 -3.02
C GLU A 143 1.42 16.28 -2.14
N LEU A 144 1.77 15.64 -1.02
CA LEU A 144 0.81 15.10 -0.06
C LEU A 144 -0.44 14.51 -0.73
N ARG A 145 -0.24 13.71 -1.78
CA ARG A 145 -1.36 13.19 -2.57
C ARG A 145 -2.08 11.99 -1.91
N LYS A 146 -1.29 11.02 -1.42
CA LYS A 146 -1.78 9.84 -0.67
C LYS A 146 -1.97 8.60 -1.56
N HIS A 147 -1.11 7.60 -1.35
CA HIS A 147 -1.21 6.30 -2.00
C HIS A 147 -1.46 5.31 -0.88
N ASP A 148 -2.46 4.45 -1.06
CA ASP A 148 -3.01 3.60 -0.02
C ASP A 148 -3.56 2.30 -0.60
N LEU A 149 -3.12 1.17 -0.01
CA LEU A 149 -3.38 -0.17 -0.53
C LEU A 149 -4.26 -1.03 0.38
N ASN A 150 -4.94 -0.37 1.33
CA ASN A 150 -5.84 -1.05 2.25
C ASN A 150 -6.92 -1.84 1.52
N PRO A 151 -7.43 -1.36 0.35
CA PRO A 151 -8.35 -2.16 -0.45
C PRO A 151 -7.79 -3.53 -0.89
N LEU A 152 -6.48 -3.62 -1.09
CA LEU A 152 -5.85 -4.89 -1.48
C LEU A 152 -5.74 -5.90 -0.34
N ILE A 153 -5.76 -5.43 0.90
CA ILE A 153 -5.62 -6.29 2.08
C ILE A 153 -6.73 -7.36 2.10
N LYS A 154 -6.31 -8.64 2.13
CA LYS A 154 -7.22 -9.78 2.25
C LYS A 154 -7.44 -10.15 3.72
N LEU A 155 -8.68 -10.52 4.03
CA LEU A 155 -9.10 -10.86 5.39
C LEU A 155 -8.91 -12.34 5.63
N SER A 156 -9.20 -13.15 4.61
CA SER A 156 -8.74 -14.54 4.56
C SER A 156 -8.16 -14.81 3.17
N GLY A 157 -7.40 -15.90 3.08
CA GLY A 157 -6.73 -16.28 1.85
C GLY A 157 -5.60 -15.33 1.52
N ALA A 158 -5.17 -15.34 0.25
CA ALA A 158 -4.00 -14.60 -0.20
C ALA A 158 -3.95 -14.53 -1.71
N TYR A 159 -2.91 -13.88 -2.23
CA TYR A 159 -2.67 -13.71 -3.66
C TYR A 159 -1.61 -14.67 -4.17
N LEU A 160 -2.00 -15.56 -5.08
CA LEU A 160 -1.09 -16.38 -5.87
C LEU A 160 -0.22 -15.46 -6.73
N VAL A 161 1.09 -15.50 -6.51
CA VAL A 161 2.04 -14.72 -7.28
C VAL A 161 2.44 -15.50 -8.52
N ASP A 162 2.50 -14.81 -9.66
CA ASP A 162 2.72 -15.43 -10.96
C ASP A 162 4.18 -15.83 -11.13
N ASP A 163 4.40 -17.11 -11.48
CA ASP A 163 5.72 -17.65 -11.76
C ASP A 163 5.57 -18.92 -12.59
N SER A 164 6.41 -19.07 -13.62
CA SER A 164 6.29 -20.17 -14.58
C SER A 164 6.40 -21.56 -13.95
N ASP A 165 7.32 -21.69 -13.00
CA ASP A 165 7.54 -22.93 -12.24
C ASP A 165 6.23 -23.63 -11.85
N PRO A 166 5.91 -24.81 -12.43
CA PRO A 166 4.74 -25.58 -12.00
C PRO A 166 4.81 -26.15 -10.56
N ASP A 167 6.01 -26.45 -10.07
CA ASP A 167 6.19 -27.17 -8.79
C ASP A 167 5.83 -26.37 -7.53
N THR A 168 6.32 -25.13 -7.45
CA THR A 168 6.15 -24.28 -6.27
C THR A 168 5.32 -23.04 -6.58
N SER A 169 4.55 -22.61 -5.56
CA SER A 169 3.66 -21.46 -5.66
C SER A 169 3.87 -20.56 -4.46
N LEU A 170 3.86 -19.26 -4.72
CA LEU A 170 4.11 -18.22 -3.73
C LEU A 170 2.84 -17.41 -3.53
N PHE A 171 2.35 -17.39 -2.29
CA PHE A 171 1.16 -16.62 -1.92
C PHE A 171 1.53 -15.45 -1.02
N ILE A 172 0.84 -14.32 -1.20
CA ILE A 172 1.05 -13.12 -0.39
C ILE A 172 -0.25 -12.42 0.00
N ASN A 173 -0.19 -11.69 1.11
CA ASN A 173 -1.21 -10.71 1.49
C ASN A 173 -0.53 -9.36 1.57
N VAL A 174 -1.30 -8.30 1.31
CA VAL A 174 -0.79 -6.94 1.37
C VAL A 174 -0.87 -6.40 2.79
N CYS A 175 0.27 -5.93 3.29
CA CYS A 175 0.43 -5.27 4.61
C CYS A 175 0.06 -6.02 5.89
N ARG A 176 -0.15 -7.33 5.79
CA ARG A 176 -0.45 -8.14 6.97
C ARG A 176 -0.26 -9.64 6.70
N ASP A 177 -0.38 -10.43 7.76
CA ASP A 177 -0.31 -11.87 7.67
C ASP A 177 -1.47 -12.43 6.87
N ILE A 178 -1.38 -13.72 6.55
CA ILE A 178 -2.36 -14.44 5.78
C ILE A 178 -3.19 -15.24 6.77
N ASP A 179 -4.48 -14.96 6.84
CA ASP A 179 -5.40 -15.75 7.61
C ASP A 179 -5.78 -16.97 6.77
N THR A 180 -5.43 -18.16 7.25
CA THR A 180 -5.67 -19.41 6.52
C THR A 180 -6.88 -20.18 7.04
N LEU A 181 -7.52 -19.67 8.09
CA LEU A 181 -8.56 -20.41 8.82
C LEU A 181 -9.95 -20.25 8.20
N ARG A 182 -10.27 -19.03 7.74
CA ARG A 182 -11.57 -18.73 7.12
C ARG A 182 -11.62 -19.23 5.67
N ASP A 183 -11.28 -20.51 5.49
CA ASP A 183 -11.42 -21.28 4.23
C ASP A 183 -10.71 -22.61 4.47
N PRO A 184 -11.19 -23.43 5.44
CA PRO A 184 -10.44 -24.61 5.87
C PRO A 184 -10.40 -25.69 4.82
N GLY A 185 -9.19 -26.06 4.37
CA GLY A 185 -8.96 -27.08 3.35
C GLY A 185 -8.39 -26.51 2.07
N SER A 186 -8.64 -25.22 1.83
CA SER A 186 -8.33 -24.56 0.57
C SER A 186 -6.84 -24.15 0.42
N GLN A 187 -5.97 -25.17 0.31
CA GLN A 187 -4.60 -25.01 -0.20
C GLN A 187 -3.56 -24.40 0.75
N LEU A 188 -4.01 -23.52 1.67
CA LEU A 188 -3.12 -22.67 2.47
C LEU A 188 -2.92 -23.10 3.94
N ARG A 189 -3.76 -24.03 4.40
CA ARG A 189 -3.73 -24.55 5.76
C ARG A 189 -2.35 -24.70 6.37
N ALA A 190 -1.40 -25.23 5.59
CA ALA A 190 -0.07 -25.56 6.08
C ALA A 190 0.73 -24.34 6.47
N CYS A 191 0.43 -23.20 5.86
CA CYS A 191 1.23 -21.99 6.01
C CYS A 191 1.44 -21.60 7.47
N PRO A 192 2.70 -21.54 7.95
CA PRO A 192 3.01 -21.15 9.32
C PRO A 192 2.27 -19.88 9.73
N PRO A 193 1.57 -19.88 10.88
CA PRO A 193 0.96 -18.68 11.45
C PRO A 193 1.85 -17.44 11.35
N GLY A 194 1.23 -16.30 11.03
CA GLY A 194 1.90 -15.00 11.00
C GLY A 194 2.59 -14.64 9.69
N THR A 195 2.65 -15.59 8.76
CA THR A 195 3.31 -15.40 7.46
C THR A 195 2.46 -14.53 6.54
N ALA A 196 3.10 -13.52 5.93
CA ALA A 196 2.52 -12.70 4.87
C ALA A 196 2.95 -13.18 3.49
N ALA A 197 3.92 -14.09 3.45
CA ALA A 197 4.47 -14.65 2.21
C ALA A 197 4.76 -16.11 2.45
N CYS A 198 3.89 -16.97 1.95
CA CYS A 198 4.00 -18.40 2.13
C CYS A 198 4.43 -19.09 0.82
N LEU A 199 5.35 -20.04 0.95
CA LEU A 199 5.86 -20.81 -0.18
C LEU A 199 5.41 -22.27 -0.10
N VAL A 200 4.47 -22.64 -0.96
CA VAL A 200 4.03 -24.01 -1.11
C VAL A 200 4.92 -24.72 -2.14
N ARG A 201 5.37 -25.92 -1.79
CA ARG A 201 6.21 -26.74 -2.68
C ARG A 201 5.57 -28.06 -3.10
N GLY A 202 4.41 -28.36 -2.50
CA GLY A 202 3.68 -29.57 -2.78
C GLY A 202 2.59 -29.66 -1.74
N HIS A 203 2.86 -30.44 -0.68
CA HIS A 203 2.02 -30.46 0.51
C HIS A 203 2.65 -29.66 1.68
N GLN A 204 3.95 -29.35 1.56
CA GLN A 204 4.70 -28.61 2.56
C GLN A 204 4.62 -27.12 2.32
N ALA A 205 4.55 -26.35 3.41
CA ALA A 205 4.47 -24.88 3.36
C ALA A 205 5.60 -24.24 4.16
N PHE A 206 6.01 -23.04 3.73
CA PHE A 206 7.09 -22.29 4.36
C PHE A 206 6.75 -20.81 4.50
N ASP A 207 7.20 -20.21 5.61
CA ASP A 207 7.10 -18.78 5.83
C ASP A 207 8.37 -18.16 5.27
N VAL A 208 8.26 -17.52 4.11
CA VAL A 208 9.38 -16.83 3.48
C VAL A 208 9.40 -15.32 3.79
N GLY A 209 8.34 -14.80 4.41
CA GLY A 209 8.22 -13.39 4.71
C GLY A 209 7.16 -13.02 5.75
N GLN A 210 7.49 -12.04 6.59
CA GLN A 210 6.59 -11.57 7.64
C GLN A 210 6.59 -10.05 7.78
N PRO A 211 5.43 -9.43 8.11
CA PRO A 211 5.34 -7.98 8.13
C PRO A 211 6.26 -7.43 9.20
N ARG A 212 6.89 -6.29 8.92
CA ARG A 212 7.66 -5.58 9.93
C ARG A 212 7.39 -4.07 9.80
N ASP A 213 8.07 -3.40 8.87
CA ASP A 213 7.82 -1.99 8.59
C ASP A 213 6.56 -1.80 7.75
N GLY A 214 6.15 -0.54 7.58
CA GLY A 214 4.97 -0.20 6.80
C GLY A 214 5.39 0.11 5.40
N LEU A 215 4.42 0.48 4.57
CA LEU A 215 4.62 0.81 3.17
C LEU A 215 5.60 1.97 3.05
N LYS A 216 6.50 1.89 2.06
CA LYS A 216 7.44 2.96 1.74
C LYS A 216 7.17 3.53 0.37
N LEU A 217 7.61 4.76 0.16
CA LEU A 217 7.59 5.39 -1.15
C LEU A 217 9.01 5.57 -1.60
N VAL A 218 9.28 5.10 -2.81
CA VAL A 218 10.62 5.00 -3.35
C VAL A 218 10.61 5.59 -4.77
N ARG A 219 11.62 6.42 -5.06
CA ARG A 219 11.78 7.05 -6.36
C ARG A 219 10.42 7.56 -6.87
N LYS A 220 9.89 8.54 -6.13
CA LYS A 220 8.75 9.38 -6.52
C LYS A 220 7.40 8.67 -6.45
N ASP A 221 7.28 7.56 -7.18
CA ASP A 221 5.98 6.98 -7.50
C ASP A 221 5.92 5.46 -7.41
N ARG A 222 6.89 4.86 -6.72
CA ARG A 222 6.93 3.42 -6.55
C ARG A 222 6.77 3.07 -5.08
N LEU A 223 5.70 2.35 -4.78
CA LEU A 223 5.44 1.86 -3.43
C LEU A 223 6.21 0.58 -3.25
N VAL A 224 7.01 0.52 -2.19
CA VAL A 224 7.74 -0.69 -1.82
C VAL A 224 7.29 -1.17 -0.45
N LEU A 225 7.03 -2.48 -0.35
CA LEU A 225 6.70 -3.18 0.88
C LEU A 225 7.62 -4.37 1.00
N SER A 226 8.22 -4.51 2.18
CA SER A 226 9.24 -5.53 2.43
C SER A 226 8.84 -6.44 3.58
N TYR A 227 8.88 -7.75 3.33
CA TYR A 227 8.67 -8.75 4.34
C TYR A 227 10.00 -9.43 4.59
N VAL A 228 10.19 -9.87 5.84
CA VAL A 228 11.43 -10.46 6.29
C VAL A 228 11.19 -11.55 7.31
N ARG A 229 12.26 -12.30 7.61
CA ARG A 229 12.22 -13.39 8.55
C ARG A 229 13.68 -13.65 8.95
N GLU A 230 14.11 -13.01 10.03
CA GLU A 230 15.46 -13.14 10.58
C GLU A 230 15.44 -14.01 11.83
N GLU A 231 14.43 -13.79 12.69
CA GLU A 231 14.07 -14.73 13.76
C GLU A 231 13.67 -16.03 13.08
N ALA A 232 14.68 -16.87 12.80
CA ALA A 232 14.58 -17.93 11.81
C ALA A 232 15.32 -19.21 12.17
N GLY A 233 15.06 -20.24 11.37
CA GLY A 233 15.83 -21.47 11.32
C GLY A 233 15.77 -21.91 9.87
N LYS A 234 15.55 -23.22 9.66
CA LYS A 234 15.23 -23.78 8.34
C LYS A 234 16.39 -23.63 7.35
N LEU A 235 16.33 -22.61 6.48
CA LEU A 235 17.30 -22.38 5.42
C LEU A 235 17.82 -23.67 4.79
N ASP A 236 16.92 -24.64 4.59
CA ASP A 236 17.28 -25.93 3.99
C ASP A 236 17.71 -25.69 2.58
N PHE A 237 16.92 -24.89 1.87
CA PHE A 237 17.11 -24.58 0.46
C PHE A 237 17.49 -23.12 0.23
N CYS A 238 17.73 -22.38 1.32
CA CYS A 238 18.06 -20.96 1.25
C CYS A 238 19.54 -20.69 1.58
N ASP A 239 20.38 -21.72 1.44
CA ASP A 239 21.85 -21.63 1.50
C ASP A 239 22.40 -20.56 2.44
N GLY A 240 21.82 -20.51 3.65
CA GLY A 240 22.20 -19.53 4.64
C GLY A 240 21.84 -18.10 4.24
N HIS A 241 20.74 -17.94 3.51
CA HIS A 241 20.13 -16.64 3.23
C HIS A 241 18.93 -16.53 4.10
N SER A 242 18.67 -15.32 4.59
CA SER A 242 17.44 -14.98 5.33
C SER A 242 16.33 -14.77 4.33
N PRO A 243 15.27 -15.61 4.30
CA PRO A 243 14.19 -15.44 3.33
C PRO A 243 13.55 -14.07 3.46
N ALA A 244 13.34 -13.38 2.33
CA ALA A 244 12.75 -12.05 2.30
C ALA A 244 11.95 -11.83 1.04
N VAL A 245 10.91 -11.00 1.13
CA VAL A 245 10.04 -10.65 0.02
C VAL A 245 9.99 -9.14 -0.09
N THR A 246 10.12 -8.64 -1.32
CA THR A 246 10.03 -7.21 -1.56
C THR A 246 9.10 -7.01 -2.73
N ILE A 247 7.98 -6.34 -2.47
CA ILE A 247 6.95 -6.10 -3.45
C ILE A 247 7.02 -4.65 -3.87
N THR A 248 6.90 -4.42 -5.18
CA THR A 248 6.86 -3.10 -5.76
C THR A 248 5.52 -2.92 -6.39
N PHE A 249 4.73 -1.99 -5.84
CA PHE A 249 3.42 -1.65 -6.37
C PHE A 249 3.61 -0.45 -7.24
N VAL A 250 2.90 -0.43 -8.37
CA VAL A 250 3.10 0.55 -9.42
C VAL A 250 1.76 0.96 -9.98
N CYS A 251 1.60 2.27 -10.17
CA CYS A 251 0.35 2.82 -10.66
C CYS A 251 0.32 2.53 -12.16
N PRO A 252 -0.75 1.86 -12.67
CA PRO A 252 -0.88 1.62 -14.10
C PRO A 252 -0.79 2.88 -14.92
N SER A 253 -0.53 2.71 -16.23
CA SER A 253 -0.47 3.79 -17.20
C SER A 253 -0.76 3.19 -18.57
N GLU A 254 -0.70 4.04 -19.61
CA GLU A 254 -0.68 3.55 -21.00
C GLU A 254 0.65 2.83 -21.27
N ARG A 255 1.71 3.27 -20.57
CA ARG A 255 3.03 2.65 -20.60
C ARG A 255 3.03 1.30 -19.90
N ARG A 256 2.58 1.31 -18.64
CA ARG A 256 2.68 0.17 -17.75
C ARG A 256 1.39 -0.65 -17.74
N GLU A 257 1.57 -1.93 -18.06
CA GLU A 257 0.50 -2.88 -18.39
C GLU A 257 -0.76 -2.71 -17.53
N GLY A 258 -0.64 -3.06 -16.24
CA GLY A 258 -1.77 -3.35 -15.37
C GLY A 258 -1.81 -4.86 -15.33
N THR A 259 -1.65 -5.45 -14.14
CA THR A 259 -1.37 -6.88 -14.02
C THR A 259 -1.84 -7.51 -12.72
N ILE A 260 -1.64 -8.83 -12.62
CA ILE A 260 -1.60 -9.53 -11.35
C ILE A 260 -0.16 -9.39 -10.86
N PRO A 261 0.15 -9.76 -9.59
CA PRO A 261 1.53 -9.72 -9.11
C PRO A 261 2.42 -10.80 -9.75
N LYS A 262 3.68 -10.43 -10.05
CA LYS A 262 4.61 -11.25 -10.81
C LYS A 262 5.96 -11.39 -10.13
N LEU A 263 6.44 -12.63 -10.01
CA LEU A 263 7.77 -12.92 -9.46
C LEU A 263 8.83 -12.56 -10.48
N THR A 264 9.74 -11.65 -10.12
CA THR A 264 10.78 -11.16 -11.01
C THR A 264 12.15 -11.70 -10.63
N ALA A 265 12.27 -12.14 -9.36
CA ALA A 265 13.44 -12.82 -8.87
C ALA A 265 13.00 -13.82 -7.79
N LYS A 266 13.77 -14.89 -7.64
CA LYS A 266 13.51 -15.88 -6.61
C LYS A 266 14.76 -16.71 -6.25
N SER A 267 15.93 -16.14 -6.50
CA SER A 267 17.17 -16.77 -6.14
C SER A 267 17.38 -16.50 -4.67
N ASN A 268 18.08 -17.43 -4.02
CA ASN A 268 18.57 -17.25 -2.65
C ASN A 268 17.45 -16.97 -1.64
N CYS A 269 16.24 -17.41 -1.98
CA CYS A 269 15.03 -17.11 -1.21
C CYS A 269 14.83 -15.60 -1.01
N ARG A 270 15.26 -14.82 -2.01
CA ARG A 270 15.14 -13.38 -2.03
C ARG A 270 14.14 -13.07 -3.14
N TYR A 271 12.86 -13.23 -2.79
CA TYR A 271 11.75 -13.05 -3.73
C TYR A 271 11.53 -11.57 -3.96
N GLU A 272 11.35 -11.21 -5.25
CA GLU A 272 11.09 -9.84 -5.65
C GLU A 272 9.89 -9.86 -6.57
N ILE A 273 8.82 -9.17 -6.13
CA ILE A 273 7.53 -9.15 -6.82
C ILE A 273 7.27 -7.75 -7.32
N GLU A 274 6.70 -7.64 -8.54
CA GLU A 274 6.20 -6.37 -9.05
C GLU A 274 4.75 -6.54 -9.44
N TRP A 275 3.94 -5.52 -9.10
CA TRP A 275 2.50 -5.59 -9.15
C TRP A 275 1.91 -4.26 -9.60
N ILE A 276 1.54 -4.18 -10.88
CA ILE A 276 0.85 -3.02 -11.41
C ILE A 276 -0.60 -3.13 -10.95
N THR A 277 -1.03 -2.20 -10.08
CA THR A 277 -2.41 -2.20 -9.58
C THR A 277 -2.91 -0.79 -9.37
N GLU A 278 -4.18 -0.56 -9.71
CA GLU A 278 -4.78 0.77 -9.70
C GLU A 278 -4.74 1.42 -8.31
N TYR A 279 -4.80 0.59 -7.25
CA TYR A 279 -4.70 1.03 -5.86
C TYR A 279 -3.36 1.61 -5.46
N ALA A 280 -2.40 1.64 -6.40
CA ALA A 280 -1.10 2.28 -6.20
C ALA A 280 -1.15 3.75 -6.61
N CYS A 281 -2.25 4.18 -7.23
CA CYS A 281 -2.42 5.55 -7.67
C CYS A 281 -3.06 6.36 -6.56
N HIS A 282 -2.96 7.69 -6.64
CA HIS A 282 -3.65 8.56 -5.69
C HIS A 282 -5.10 8.75 -6.14
N ASP A 284 -9.72 12.56 -5.37
CA ASP A 284 -9.08 11.63 -4.44
C ASP A 284 -9.51 11.90 -2.99
N TYR A 285 -9.63 13.19 -2.65
CA TYR A 285 -10.26 13.66 -1.42
C TYR A 285 -11.39 14.63 -1.77
N LEU A 286 -12.58 14.07 -2.04
CA LEU A 286 -13.75 14.84 -2.45
C LEU A 286 -14.37 15.63 -1.32
N GLU A 287 -15.24 16.57 -1.70
CA GLU A 287 -15.82 17.55 -0.79
C GLU A 287 -17.01 18.26 -1.43
N SER A 288 -18.00 18.59 -0.60
CA SER A 288 -19.22 19.28 -1.04
C SER A 288 -19.99 19.79 0.15
N LYS A 289 -20.73 20.88 -0.05
CA LYS A 289 -21.67 21.41 0.95
C LYS A 289 -23.09 20.88 0.71
N THR A 290 -23.21 19.95 -0.24
CA THR A 290 -24.48 19.31 -0.57
C THR A 290 -24.57 17.95 0.11
N CYS A 291 -25.71 17.28 -0.08
CA CYS A 291 -25.97 15.93 0.42
C CYS A 291 -25.56 14.85 -0.59
N SER A 292 -24.54 15.15 -1.41
CA SER A 292 -23.93 14.17 -2.31
C SER A 292 -22.62 14.67 -2.93
N LEU A 293 -21.94 13.76 -3.63
CA LEU A 293 -20.64 14.01 -4.26
C LEU A 293 -20.63 13.61 -5.74
N SER A 294 -19.59 14.10 -6.45
CA SER A 294 -19.43 14.00 -7.90
C SER A 294 -20.20 12.84 -8.55
N SER A 301 -19.99 6.51 -6.74
CA SER A 301 -20.65 7.75 -6.39
C SER A 301 -22.11 7.51 -6.03
N ILE A 302 -22.54 8.02 -4.87
CA ILE A 302 -23.89 7.83 -4.36
C ILE A 302 -24.39 9.08 -3.62
N ASP A 303 -25.72 9.26 -3.63
CA ASP A 303 -26.41 10.35 -2.94
C ASP A 303 -26.88 9.84 -1.59
N LEU A 304 -27.05 10.79 -0.65
CA LEU A 304 -27.50 10.50 0.71
C LEU A 304 -28.90 11.06 0.96
N THR A 305 -29.61 11.38 -0.12
CA THR A 305 -30.99 11.84 -0.09
C THR A 305 -32.00 10.77 0.32
N PRO A 306 -31.81 9.47 -0.05
CA PRO A 306 -32.79 8.44 0.29
C PRO A 306 -33.05 8.31 1.79
N LEU A 307 -32.03 8.63 2.59
CA LEU A 307 -32.09 8.62 4.04
C LEU A 307 -33.05 9.70 4.53
N SER A 314 -37.37 12.72 12.86
CA SER A 314 -37.15 11.63 11.93
C SER A 314 -36.25 10.55 12.54
N TYR A 315 -35.03 10.94 12.95
CA TYR A 315 -34.03 10.04 13.51
C TYR A 315 -33.72 10.42 14.94
N ILE A 316 -33.65 9.41 15.82
CA ILE A 316 -33.58 9.61 17.27
C ILE A 316 -32.44 8.83 17.93
N SER A 317 -31.28 9.49 18.05
CA SER A 317 -30.10 8.90 18.69
C SER A 317 -30.02 9.24 20.18
N ASP A 318 -29.86 8.21 21.01
CA ASP A 318 -29.84 8.32 22.46
C ASP A 318 -28.48 8.79 22.94
N GLY A 319 -28.49 9.65 23.96
CA GLY A 319 -27.28 10.13 24.61
C GLY A 319 -27.24 9.77 26.09
N LYS A 320 -26.24 10.36 26.76
CA LYS A 320 -26.00 10.25 28.21
C LYS A 320 -27.23 10.72 29.02
N GLU A 321 -27.20 11.99 29.44
CA GLU A 321 -28.35 12.70 29.94
C GLU A 321 -29.28 13.09 28.79
N TYR A 322 -28.71 13.27 27.59
CA TYR A 322 -29.39 13.93 26.47
C TYR A 322 -29.92 12.94 25.43
N LEU A 323 -30.56 13.50 24.38
CA LEU A 323 -31.23 12.73 23.35
C LEU A 323 -31.23 13.58 22.08
N PHE A 324 -30.89 12.94 20.96
CA PHE A 324 -30.64 13.64 19.71
C PHE A 324 -31.69 13.39 18.64
N TYR A 325 -31.79 14.34 17.70
CA TYR A 325 -32.73 14.29 16.60
C TYR A 325 -32.05 14.87 15.38
N LEU A 326 -32.13 14.14 14.26
CA LEU A 326 -31.40 14.47 13.04
C LEU A 326 -32.30 14.35 11.81
N ASN A 327 -32.02 15.16 10.77
CA ASN A 327 -32.76 15.12 9.51
C ASN A 327 -31.86 15.06 8.26
N VAL A 328 -32.38 14.46 7.18
CA VAL A 328 -31.72 14.31 5.86
C VAL A 328 -30.73 15.45 5.53
N CYS A 329 -31.26 16.59 5.07
CA CYS A 329 -30.49 17.80 4.79
C CYS A 329 -31.24 19.02 5.35
N LYS A 339 -32.86 26.45 16.87
CA LYS A 339 -32.86 27.05 15.53
C LYS A 339 -34.03 26.53 14.69
N LYS A 340 -34.89 27.46 14.25
CA LYS A 340 -35.83 27.25 13.15
C LYS A 340 -35.54 26.00 12.31
N GLN A 341 -34.34 25.96 11.72
CA GLN A 341 -33.86 24.80 10.96
C GLN A 341 -33.45 23.71 11.94
N ALA A 342 -32.15 23.64 12.25
CA ALA A 342 -31.53 22.57 13.02
C ALA A 342 -31.59 21.24 12.25
N ALA A 343 -30.41 20.70 11.92
CA ALA A 343 -30.26 19.36 11.35
C ALA A 343 -30.03 18.32 12.44
N VAL A 344 -29.34 18.75 13.51
CA VAL A 344 -29.15 17.95 14.71
C VAL A 344 -29.61 18.75 15.92
N CYS A 345 -30.37 18.10 16.80
CA CYS A 345 -31.01 18.76 17.95
C CYS A 345 -30.79 17.94 19.23
N GLN A 346 -30.19 18.58 20.24
CA GLN A 346 -30.01 17.98 21.56
C GLN A 346 -31.07 18.48 22.53
N VAL A 347 -31.75 17.53 23.19
CA VAL A 347 -32.69 17.81 24.26
C VAL A 347 -32.36 16.89 25.44
N LYS A 348 -32.56 17.37 26.68
CA LYS A 348 -32.18 16.63 27.90
C LYS A 348 -33.33 15.84 28.53
N LYS A 349 -33.10 14.53 28.71
CA LYS A 349 -34.13 13.59 29.19
C LYS A 349 -34.60 13.94 30.58
N THR A 352 -36.47 19.33 32.29
CA THR A 352 -35.20 19.13 31.59
C THR A 352 -35.29 19.40 30.08
N SER A 353 -36.46 19.83 29.58
CA SER A 353 -36.64 20.09 28.14
C SER A 353 -35.99 21.39 27.70
N GLN A 354 -34.75 21.58 28.19
CA GLN A 354 -33.75 22.49 27.66
C GLN A 354 -33.22 21.88 26.38
N VAL A 355 -33.39 22.61 25.26
CA VAL A 355 -33.01 22.14 23.93
C VAL A 355 -31.99 23.06 23.29
N LYS A 356 -30.98 22.45 22.65
CA LYS A 356 -29.96 23.16 21.90
C LYS A 356 -29.78 22.51 20.55
N ALA A 357 -29.50 23.35 19.54
CA ALA A 357 -29.24 22.92 18.17
C ALA A 357 -27.74 22.65 18.00
N ALA A 358 -27.43 21.47 17.44
CA ALA A 358 -26.05 21.03 17.23
C ALA A 358 -25.72 20.76 15.76
N GLY A 359 -26.26 21.61 14.86
CA GLY A 359 -25.95 21.53 13.45
C GLY A 359 -27.00 22.13 12.52
N ARG A 360 -26.56 23.04 11.63
CA ARG A 360 -27.44 23.82 10.77
C ARG A 360 -27.95 23.02 9.57
N TYR A 361 -27.58 23.45 8.36
CA TYR A 361 -28.29 23.10 7.12
C TYR A 361 -27.46 23.60 5.94
N HIS A 362 -27.29 24.93 5.87
CA HIS A 362 -26.50 25.62 4.86
C HIS A 362 -25.01 25.33 5.09
N ASN A 363 -24.53 25.74 6.26
CA ASN A 363 -23.18 25.41 6.71
C ASN A 363 -23.13 23.91 6.89
N GLN A 364 -22.70 23.23 5.83
CA GLN A 364 -22.56 21.78 5.79
C GLN A 364 -21.32 21.44 4.97
N THR A 365 -20.79 20.24 5.19
CA THR A 365 -19.70 19.68 4.40
C THR A 365 -19.85 18.16 4.36
N LEU A 366 -20.04 17.62 3.15
CA LEU A 366 -19.95 16.20 2.88
C LEU A 366 -18.60 15.92 2.21
N ARG A 367 -17.98 14.80 2.59
CA ARG A 367 -16.59 14.51 2.22
C ARG A 367 -16.31 13.01 2.10
N TYR A 368 -15.66 12.64 1.00
CA TYR A 368 -15.12 11.30 0.83
C TYR A 368 -13.60 11.38 0.91
N SER A 369 -13.04 10.91 2.04
CA SER A 369 -11.61 10.90 2.26
C SER A 369 -11.14 9.47 2.29
N ASP A 370 -10.53 9.01 1.18
CA ASP A 370 -9.91 7.70 1.07
C ASP A 370 -10.77 6.61 1.71
N GLY A 371 -12.00 6.46 1.21
CA GLY A 371 -12.91 5.40 1.64
C GLY A 371 -13.91 5.78 2.73
N ASP A 372 -13.64 6.89 3.42
CA ASP A 372 -14.43 7.33 4.57
C ASP A 372 -15.36 8.44 4.18
N LEU A 373 -16.67 8.21 4.36
CA LEU A 373 -17.67 9.21 4.10
C LEU A 373 -18.02 9.92 5.41
N THR A 374 -17.81 11.24 5.43
CA THR A 374 -17.99 12.07 6.63
C THR A 374 -18.79 13.36 6.37
N LEU A 375 -19.96 13.46 7.00
CA LEU A 375 -20.84 14.63 6.97
C LEU A 375 -20.72 15.44 8.27
N ILE A 376 -20.66 16.77 8.12
CA ILE A 376 -20.54 17.70 9.23
C ILE A 376 -21.64 18.76 9.17
N TYR A 377 -22.02 19.27 10.34
CA TYR A 377 -22.88 20.44 10.48
C TYR A 377 -22.25 21.43 11.46
N PHE A 378 -22.50 22.72 11.24
CA PHE A 378 -21.79 23.82 11.94
C PHE A 378 -22.65 24.86 12.71
N GLY A 379 -23.90 25.06 12.29
CA GLY A 379 -24.85 25.99 12.91
C GLY A 379 -24.62 26.37 14.36
N GLY A 380 -24.91 25.43 15.26
CA GLY A 380 -24.46 25.45 16.63
C GLY A 380 -24.83 26.62 17.51
N ASP A 381 -25.67 26.37 18.51
CA ASP A 381 -25.89 27.30 19.59
C ASP A 381 -24.63 27.29 20.43
N GLU A 382 -24.02 28.47 20.59
CA GLU A 382 -22.81 28.62 21.39
C GLU A 382 -23.07 28.15 22.81
N CYS A 383 -22.36 27.09 23.22
CA CYS A 383 -22.46 26.54 24.57
C CYS A 383 -21.78 27.48 25.57
N SER A 384 -21.89 27.17 26.86
CA SER A 384 -21.25 27.92 27.95
C SER A 384 -19.92 28.53 27.51
N SER A 385 -19.02 27.66 27.03
CA SER A 385 -17.74 28.04 26.46
C SER A 385 -17.91 28.63 25.04
N GLY A 386 -16.82 29.17 24.49
CA GLY A 386 -16.85 29.95 23.27
C GLY A 386 -17.29 29.30 21.97
N PHE A 387 -17.36 27.96 21.95
CA PHE A 387 -17.60 27.22 20.72
C PHE A 387 -19.09 27.14 20.37
N GLN A 388 -19.37 26.91 19.07
CA GLN A 388 -20.70 26.60 18.55
C GLN A 388 -20.83 25.10 18.31
N ARG A 389 -22.00 24.54 18.67
CA ARG A 389 -22.25 23.11 18.62
C ARG A 389 -22.17 22.54 17.20
N MET A 390 -21.24 21.60 17.00
CA MET A 390 -21.05 20.91 15.71
C MET A 390 -21.46 19.45 15.84
N SER A 391 -21.90 18.89 14.72
CA SER A 391 -22.15 17.46 14.62
C SER A 391 -21.34 16.89 13.47
N VAL A 392 -20.69 15.75 13.76
CA VAL A 392 -19.83 15.01 12.83
C VAL A 392 -20.40 13.62 12.76
N ILE A 393 -20.89 13.23 11.57
CA ILE A 393 -21.44 11.91 11.32
C ILE A 393 -20.49 11.07 10.48
N ASN A 394 -20.19 9.85 10.97
CA ASN A 394 -19.34 8.91 10.24
C ASN A 394 -20.19 7.75 9.68
N PHE A 395 -20.57 7.90 8.41
CA PHE A 395 -21.33 6.91 7.67
C PHE A 395 -20.48 5.69 7.33
N GLU A 396 -20.89 4.53 7.87
CA GLU A 396 -20.32 3.24 7.51
C GLU A 396 -21.25 2.58 6.52
N CYS A 397 -20.69 1.73 5.65
CA CYS A 397 -21.45 0.96 4.66
C CYS A 397 -21.95 -0.32 5.30
N ASN A 398 -23.27 -0.54 5.23
CA ASN A 398 -23.94 -1.72 5.77
C ASN A 398 -25.25 -1.99 5.03
N LYS A 399 -25.27 -3.08 4.27
CA LYS A 399 -26.46 -3.52 3.54
C LYS A 399 -27.55 -3.95 4.52
N THR A 400 -27.23 -4.92 5.37
CA THR A 400 -28.14 -5.39 6.43
C THR A 400 -28.26 -4.35 7.56
N ALA A 401 -28.87 -3.21 7.23
CA ALA A 401 -28.93 -2.05 8.11
C ALA A 401 -30.03 -2.18 9.15
N GLY A 405 -35.24 -0.63 5.39
CA GLY A 405 -33.96 -1.21 5.77
C GLY A 405 -32.82 -0.23 5.58
N LYS A 406 -33.01 1.00 6.06
CA LYS A 406 -32.14 2.13 5.75
C LYS A 406 -30.86 2.13 6.57
N GLY A 407 -30.99 2.34 7.90
CA GLY A 407 -29.88 2.49 8.84
C GLY A 407 -30.21 3.47 9.96
N THR A 408 -29.46 3.43 11.07
CA THR A 408 -29.67 4.30 12.24
C THR A 408 -28.39 4.91 12.81
N PRO A 409 -28.39 6.21 13.19
CA PRO A 409 -27.20 6.84 13.76
C PRO A 409 -27.05 6.55 15.24
N VAL A 410 -25.85 6.12 15.65
CA VAL A 410 -25.51 5.93 17.06
C VAL A 410 -24.64 7.10 17.52
N PHE A 411 -24.91 7.60 18.72
CA PHE A 411 -24.09 8.62 19.38
C PHE A 411 -22.83 7.95 19.91
N THR A 412 -21.67 8.54 19.61
CA THR A 412 -20.38 7.96 19.98
C THR A 412 -19.46 8.97 20.68
N GLY A 413 -20.05 10.02 21.24
CA GLY A 413 -19.36 10.93 22.16
C GLY A 413 -19.27 12.38 21.72
N GLU A 414 -18.77 13.22 22.65
CA GLU A 414 -18.78 14.66 22.52
C GLU A 414 -17.48 15.26 23.04
N VAL A 415 -16.95 16.25 22.32
CA VAL A 415 -15.76 16.96 22.73
C VAL A 415 -15.93 18.42 22.38
N ASP A 416 -15.79 19.28 23.39
CA ASP A 416 -15.93 20.73 23.26
C ASP A 416 -17.04 21.09 22.27
N CYS A 417 -18.24 20.60 22.57
CA CYS A 417 -19.47 20.90 21.85
C CYS A 417 -19.45 20.45 20.40
N THR A 418 -18.71 19.37 20.12
CA THR A 418 -18.81 18.65 18.87
C THR A 418 -19.28 17.24 19.18
N TYR A 419 -20.39 16.84 18.57
CA TYR A 419 -21.09 15.58 18.84
C TYR A 419 -20.85 14.60 17.71
N PHE A 420 -20.32 13.41 18.05
CA PHE A 420 -19.96 12.38 17.07
C PHE A 420 -20.99 11.25 16.96
N PHE A 421 -21.27 10.84 15.73
CA PHE A 421 -22.22 9.78 15.43
C PHE A 421 -21.69 8.86 14.35
N THR A 422 -21.91 7.55 14.51
CA THR A 422 -21.61 6.58 13.48
C THR A 422 -22.92 5.99 12.95
N TRP A 423 -23.05 5.99 11.62
CA TRP A 423 -24.29 5.64 10.92
C TRP A 423 -24.07 4.47 9.94
N ASP A 424 -24.48 3.27 10.37
CA ASP A 424 -24.48 2.09 9.49
C ASP A 424 -25.65 2.21 8.53
N THR A 425 -25.34 2.37 7.23
CA THR A 425 -26.34 2.48 6.17
C THR A 425 -25.87 1.95 4.80
N GLU A 426 -26.79 1.25 4.12
CA GLU A 426 -26.57 0.72 2.77
C GLU A 426 -26.28 1.82 1.74
N TYR A 427 -26.86 3.00 1.94
CA TYR A 427 -26.79 4.11 0.99
C TYR A 427 -25.46 4.85 1.00
N ALA A 428 -24.51 4.35 1.82
CA ALA A 428 -23.12 4.81 1.82
C ALA A 428 -22.16 3.68 1.42
N CYS A 429 -22.53 2.90 0.39
CA CYS A 429 -21.77 1.75 -0.07
C CYS A 429 -21.24 1.95 -1.48
N VAL A 430 -19.96 2.33 -1.58
CA VAL A 430 -19.23 2.43 -2.84
C VAL A 430 -17.78 1.98 -2.64
N ASP A 435 -7.69 -2.64 -10.87
CA ASP A 435 -8.70 -3.65 -10.54
C ASP A 435 -9.74 -3.85 -11.67
N LEU A 436 -9.26 -3.87 -12.92
CA LEU A 436 -10.05 -4.15 -14.13
C LEU A 436 -9.15 -4.84 -15.17
N LEU A 437 -8.93 -6.15 -14.97
CA LEU A 437 -7.89 -6.93 -15.66
C LEU A 437 -8.20 -7.27 -17.13
N CYS A 438 -7.16 -7.19 -17.98
CA CYS A 438 -7.19 -7.57 -19.40
C CYS A 438 -6.48 -8.92 -19.58
N GLY A 439 -7.19 -10.00 -19.20
CA GLY A 439 -6.63 -11.34 -19.09
C GLY A 439 -7.09 -11.95 -17.78
N ALA A 440 -7.32 -13.28 -17.79
CA ALA A 440 -7.81 -14.02 -16.62
C ALA A 440 -6.78 -15.06 -16.14
N THR A 441 -7.21 -15.94 -15.22
CA THR A 441 -6.34 -16.94 -14.59
C THR A 441 -7.05 -18.27 -14.35
N ASP A 442 -6.26 -19.36 -14.35
CA ASP A 442 -6.73 -20.74 -14.21
C ASP A 442 -6.08 -21.37 -12.97
N GLY A 443 -6.30 -22.68 -12.78
CA GLY A 443 -5.56 -23.49 -11.82
C GLY A 443 -4.07 -23.37 -12.08
N LYS A 444 -3.54 -22.18 -11.74
CA LYS A 444 -2.17 -21.72 -12.01
C LYS A 444 -1.84 -21.22 -13.45
N LYS A 445 -2.72 -21.50 -14.42
CA LYS A 445 -2.49 -21.12 -15.82
C LYS A 445 -3.10 -19.75 -16.19
N ARG A 446 -2.23 -18.80 -16.58
CA ARG A 446 -2.60 -17.42 -16.84
C ARG A 446 -3.07 -17.20 -18.28
N TYR A 447 -3.66 -16.03 -18.52
CA TYR A 447 -4.03 -15.54 -19.86
C TYR A 447 -3.91 -14.02 -19.91
N ASP A 448 -3.58 -13.48 -21.09
CA ASP A 448 -3.30 -12.05 -21.25
C ASP A 448 -3.46 -11.56 -22.70
N LEU A 449 -4.34 -10.56 -22.88
CA LEU A 449 -4.46 -9.77 -24.12
C LEU A 449 -3.60 -8.50 -23.98
N SER A 450 -2.84 -8.18 -25.04
CA SER A 450 -1.89 -7.06 -25.04
C SER A 450 -1.54 -6.62 -26.47
N ALA A 451 -1.13 -7.59 -27.29
CA ALA A 451 -0.88 -7.37 -28.71
C ALA A 451 -2.19 -7.20 -29.49
N LEU A 452 -3.31 -7.48 -28.82
CA LEU A 452 -4.65 -7.15 -29.30
C LEU A 452 -5.14 -5.89 -28.58
N VAL A 453 -4.37 -4.81 -28.70
CA VAL A 453 -4.69 -3.50 -28.10
C VAL A 453 -4.13 -2.36 -28.96
N ARG A 454 -4.99 -1.78 -29.80
CA ARG A 454 -4.61 -0.72 -30.73
C ARG A 454 -4.72 0.65 -30.06
N THR A 546 -16.46 -14.74 -27.61
CA THR A 546 -15.50 -15.61 -26.94
C THR A 546 -14.38 -15.96 -27.93
N LEU A 547 -13.13 -15.89 -27.44
CA LEU A 547 -11.94 -16.17 -28.24
C LEU A 547 -11.12 -17.32 -27.64
N VAL A 548 -10.99 -18.41 -28.40
CA VAL A 548 -10.06 -19.50 -28.08
C VAL A 548 -8.87 -19.27 -28.99
N CYS A 549 -7.72 -19.83 -28.63
CA CYS A 549 -6.47 -19.55 -29.33
C CYS A 549 -6.23 -20.36 -30.59
N LYS A 550 -5.22 -19.92 -31.36
CA LYS A 550 -4.83 -20.51 -32.62
C LYS A 550 -3.30 -20.52 -32.66
N PRO A 551 -2.65 -21.47 -33.39
CA PRO A 551 -1.19 -21.50 -33.50
C PRO A 551 -0.57 -20.21 -34.08
N GLY A 552 -0.34 -19.22 -33.21
CA GLY A 552 0.43 -18.03 -33.53
C GLY A 552 -0.18 -16.98 -34.46
N ASP A 553 -1.46 -17.15 -34.83
CA ASP A 553 -2.12 -16.32 -35.85
C ASP A 553 -2.26 -14.86 -35.40
N LEU A 554 -2.76 -14.69 -34.17
CA LEU A 554 -2.92 -13.37 -33.55
C LEU A 554 -3.91 -12.50 -34.32
N TRP A 574 -13.46 -14.88 -33.37
CA TRP A 574 -12.07 -14.42 -33.39
C TRP A 574 -11.15 -15.32 -32.57
N HIS A 575 -10.51 -16.27 -33.26
CA HIS A 575 -9.55 -17.19 -32.66
C HIS A 575 -8.17 -16.56 -32.79
N THR A 576 -7.45 -16.47 -31.66
CA THR A 576 -6.20 -15.71 -31.60
C THR A 576 -5.19 -16.28 -30.62
N ALA A 577 -3.95 -16.42 -31.11
CA ALA A 577 -2.79 -16.81 -30.31
C ALA A 577 -2.81 -16.23 -28.89
N ALA A 578 -3.28 -14.97 -28.78
CA ALA A 578 -3.40 -14.25 -27.51
C ALA A 578 -4.31 -14.92 -26.48
N ALA A 579 -5.18 -15.84 -26.94
CA ALA A 579 -6.23 -16.42 -26.10
C ALA A 579 -5.73 -17.30 -24.95
N CYS A 580 -5.08 -18.43 -25.29
CA CYS A 580 -4.84 -19.50 -24.33
C CYS A 580 -3.49 -19.39 -23.61
N VAL A 581 -3.25 -20.35 -22.69
CA VAL A 581 -2.15 -20.37 -21.71
C VAL A 581 -0.82 -19.68 -22.07
N LEU A 582 -0.27 -18.98 -21.08
CA LEU A 582 1.05 -18.40 -21.14
C LEU A 582 2.05 -19.45 -20.68
N SER A 583 3.24 -19.44 -21.32
CA SER A 583 4.24 -20.49 -21.16
C SER A 583 5.67 -19.95 -21.30
N LYS A 584 6.53 -20.36 -20.37
CA LYS A 584 7.95 -20.05 -20.38
C LYS A 584 8.63 -20.63 -21.61
N THR A 585 9.45 -19.80 -22.28
CA THR A 585 10.29 -20.24 -23.39
C THR A 585 11.70 -19.66 -23.24
N GLU A 586 12.71 -20.39 -23.74
CA GLU A 586 14.09 -19.94 -23.71
C GLU A 586 14.63 -19.80 -25.12
N GLY A 587 15.52 -18.84 -25.32
CA GLY A 587 16.20 -18.62 -26.58
C GLY A 587 17.69 -18.49 -26.38
N GLU A 588 18.40 -18.05 -27.43
CA GLU A 588 19.81 -17.67 -27.37
C GLU A 588 20.10 -16.72 -28.54
N ASN A 589 21.35 -16.26 -28.62
CA ASN A 589 21.79 -15.22 -29.54
C ASN A 589 20.95 -13.97 -29.30
N CYS A 590 20.72 -13.70 -28.01
CA CYS A 590 20.01 -12.55 -27.52
C CYS A 590 18.60 -12.41 -28.09
N THR A 591 17.89 -13.54 -28.14
CA THR A 591 16.50 -13.58 -28.60
C THR A 591 15.75 -14.78 -28.03
N VAL A 592 14.42 -14.66 -27.97
CA VAL A 592 13.55 -15.71 -27.47
C VAL A 592 12.18 -15.59 -28.12
N PHE A 593 11.61 -16.75 -28.48
CA PHE A 593 10.38 -16.82 -29.26
C PHE A 593 9.23 -17.41 -28.47
N ASP A 594 8.29 -16.54 -28.07
CA ASP A 594 7.04 -16.96 -27.46
C ASP A 594 6.19 -17.56 -28.56
N SER A 595 6.40 -18.86 -28.82
CA SER A 595 5.73 -19.59 -29.90
C SER A 595 4.20 -19.49 -29.85
N GLN A 596 3.64 -19.42 -28.63
CA GLN A 596 2.21 -19.31 -28.41
C GLN A 596 1.64 -18.04 -29.03
N ALA A 597 2.13 -16.88 -28.54
CA ALA A 597 1.65 -15.56 -28.96
C ALA A 597 1.99 -15.26 -30.42
N GLY A 598 3.09 -15.83 -30.90
CA GLY A 598 3.51 -15.73 -32.29
C GLY A 598 4.68 -14.80 -32.53
N PHE A 599 5.02 -13.97 -31.54
CA PHE A 599 6.15 -13.04 -31.64
C PHE A 599 7.35 -13.46 -30.78
N SER A 600 8.54 -13.03 -31.22
CA SER A 600 9.80 -13.25 -30.52
C SER A 600 10.39 -11.90 -30.14
N PHE A 601 11.12 -11.90 -29.02
CA PHE A 601 11.82 -10.72 -28.52
C PHE A 601 13.30 -10.88 -28.81
N ASP A 602 13.97 -9.77 -29.14
CA ASP A 602 15.41 -9.73 -29.38
C ASP A 602 16.07 -8.51 -28.75
N LEU A 603 16.82 -8.74 -27.67
CA LEU A 603 17.46 -7.67 -26.90
C LEU A 603 18.81 -7.24 -27.44
N SER A 604 19.27 -7.91 -28.51
CA SER A 604 20.61 -7.72 -29.07
C SER A 604 21.14 -6.29 -29.21
N PRO A 605 20.32 -5.26 -29.55
CA PRO A 605 20.83 -3.89 -29.66
C PRO A 605 21.37 -3.26 -28.37
N LEU A 606 20.96 -3.79 -27.21
CA LEU A 606 21.50 -3.44 -25.90
C LEU A 606 22.94 -3.93 -25.77
N THR A 607 23.20 -5.12 -26.32
CA THR A 607 24.51 -5.73 -26.29
C THR A 607 25.54 -4.68 -26.70
N LYS A 608 26.37 -4.30 -25.73
CA LYS A 608 27.37 -3.25 -25.90
C LYS A 608 28.68 -3.88 -26.34
N LYS A 609 29.49 -3.11 -27.08
CA LYS A 609 30.75 -3.57 -27.66
C LYS A 609 31.97 -3.24 -26.82
N ASN A 610 31.79 -2.38 -25.81
CA ASN A 610 32.66 -2.32 -24.65
C ASN A 610 31.82 -2.04 -23.40
N GLY A 611 31.40 -3.13 -22.73
CA GLY A 611 30.25 -3.16 -21.85
C GLY A 611 30.16 -2.28 -20.62
N ALA A 612 30.34 -0.97 -20.80
CA ALA A 612 30.11 0.01 -19.74
C ALA A 612 28.63 0.35 -19.68
N TYR A 613 27.87 -0.42 -18.88
CA TYR A 613 26.62 0.06 -18.29
C TYR A 613 26.92 0.33 -16.82
N LYS A 614 26.62 1.55 -16.40
CA LYS A 614 27.23 2.17 -15.24
C LYS A 614 26.21 2.33 -14.12
N VAL A 615 26.26 1.41 -13.15
CA VAL A 615 25.28 1.36 -12.06
C VAL A 615 25.96 1.59 -10.69
N GLU A 616 25.68 2.76 -10.10
CA GLU A 616 26.26 3.15 -8.80
C GLU A 616 25.32 2.89 -7.64
N THR A 617 25.72 1.99 -6.75
CA THR A 617 25.25 1.94 -5.37
C THR A 617 26.16 2.91 -4.64
N LYS A 618 25.66 3.52 -3.57
CA LYS A 618 26.50 4.35 -2.72
C LYS A 618 27.38 3.44 -1.86
N LYS A 619 28.38 2.83 -2.53
CA LYS A 619 29.30 1.84 -1.96
C LYS A 619 29.99 1.09 -3.11
N TYR A 620 29.18 0.59 -4.05
CA TYR A 620 29.62 -0.23 -5.18
C TYR A 620 29.36 0.44 -6.52
N ASP A 621 30.19 0.08 -7.52
CA ASP A 621 30.00 0.48 -8.90
C ASP A 621 29.85 -0.78 -9.74
N PHE A 622 28.59 -1.13 -10.04
CA PHE A 622 28.28 -2.29 -10.85
C PHE A 622 28.41 -1.91 -12.32
N TYR A 623 29.23 -2.69 -13.06
CA TYR A 623 29.34 -2.58 -14.50
C TYR A 623 28.81 -3.87 -15.10
N ILE A 624 27.80 -3.77 -15.96
CA ILE A 624 27.20 -4.92 -16.60
C ILE A 624 27.00 -4.70 -18.09
N ASN A 625 26.64 -5.79 -18.79
CA ASN A 625 26.32 -5.75 -20.22
C ASN A 625 25.37 -6.88 -20.58
N VAL A 626 24.64 -6.67 -21.67
CA VAL A 626 23.53 -7.52 -22.08
C VAL A 626 24.02 -8.50 -23.13
N CYS A 627 23.83 -9.80 -22.86
CA CYS A 627 24.16 -10.87 -23.79
C CYS A 627 25.66 -10.97 -24.10
N GLY A 628 26.29 -9.83 -24.39
CA GLY A 628 27.73 -9.73 -24.49
C GLY A 628 28.40 -9.56 -23.11
N PRO A 629 29.74 -9.57 -23.05
CA PRO A 629 30.46 -9.36 -21.79
C PRO A 629 30.75 -7.89 -21.50
N VAL A 630 31.18 -7.62 -20.27
CA VAL A 630 31.62 -6.31 -19.83
C VAL A 630 32.92 -5.98 -20.57
N SER A 631 33.40 -4.74 -20.41
CA SER A 631 34.71 -4.34 -20.94
C SER A 631 35.25 -3.09 -20.23
N VAL A 632 35.52 -3.23 -18.94
CA VAL A 632 35.83 -2.11 -18.05
C VAL A 632 37.09 -2.37 -17.20
N SER A 633 37.69 -1.27 -16.73
CA SER A 633 39.04 -1.23 -16.15
C SER A 633 39.50 -2.49 -15.40
N PRO A 634 38.91 -2.85 -14.25
CA PRO A 634 39.44 -3.94 -13.42
C PRO A 634 38.94 -5.35 -13.76
N CYS A 635 37.68 -5.48 -14.21
CA CYS A 635 37.04 -6.76 -14.45
C CYS A 635 37.69 -7.54 -15.57
N GLN A 636 37.39 -8.83 -15.66
CA GLN A 636 37.80 -9.67 -16.78
C GLN A 636 36.85 -9.41 -17.94
N PRO A 637 37.32 -9.47 -19.21
CA PRO A 637 36.40 -9.47 -20.35
C PRO A 637 35.48 -10.71 -20.38
N ASP A 638 35.61 -11.56 -19.35
CA ASP A 638 34.75 -12.73 -19.12
C ASP A 638 33.33 -12.38 -18.67
N SER A 639 33.24 -11.57 -17.60
CA SER A 639 32.00 -11.37 -16.85
C SER A 639 31.00 -10.44 -17.54
N GLY A 640 29.73 -10.84 -17.50
CA GLY A 640 28.63 -10.03 -17.97
C GLY A 640 28.16 -9.04 -16.91
N ALA A 641 28.59 -9.27 -15.66
CA ALA A 641 28.28 -8.41 -14.54
C ALA A 641 29.47 -8.34 -13.59
N CYS A 642 29.64 -7.20 -12.91
CA CYS A 642 30.84 -6.92 -12.16
C CYS A 642 30.67 -5.85 -11.08
N GLN A 643 30.90 -6.27 -9.82
CA GLN A 643 30.83 -5.40 -8.64
C GLN A 643 32.22 -4.84 -8.35
N VAL A 644 32.27 -3.57 -7.93
CA VAL A 644 33.51 -2.84 -7.63
C VAL A 644 33.28 -1.82 -6.50
N ALA A 645 33.87 -2.09 -5.32
CA ALA A 645 33.76 -1.18 -4.16
C ALA A 645 34.60 0.08 -4.39
N LYS A 646 34.05 1.25 -4.07
CA LYS A 646 34.76 2.53 -4.18
C LYS A 646 35.63 2.77 -2.95
N SER A 647 35.14 2.31 -1.79
CA SER A 647 35.90 2.24 -0.54
C SER A 647 37.28 1.69 -0.81
N ASP A 648 37.32 0.48 -1.38
CA ASP A 648 38.52 -0.29 -1.61
C ASP A 648 39.00 -0.15 -3.06
N GLU A 649 38.15 -0.58 -4.01
CA GLU A 649 38.45 -0.83 -5.43
C GLU A 649 38.47 -2.33 -5.74
N LYS A 650 38.15 -3.16 -4.72
CA LYS A 650 38.15 -4.61 -4.82
C LYS A 650 36.89 -5.08 -5.56
N THR A 651 37.09 -5.94 -6.57
CA THR A 651 36.05 -6.37 -7.50
C THR A 651 35.63 -7.84 -7.32
N TRP A 652 34.45 -8.17 -7.83
CA TRP A 652 33.96 -9.55 -7.88
C TRP A 652 33.25 -9.81 -9.21
N ASN A 653 33.67 -10.86 -9.90
CA ASN A 653 32.94 -11.41 -11.05
C ASN A 653 31.58 -11.90 -10.57
N LEU A 654 30.50 -11.30 -11.12
CA LEU A 654 29.15 -11.63 -10.73
C LEU A 654 28.53 -12.69 -11.65
N GLY A 655 29.27 -13.08 -12.69
CA GLY A 655 28.91 -14.18 -13.55
C GLY A 655 29.37 -13.91 -14.96
N LEU A 656 29.60 -14.99 -15.71
CA LEU A 656 30.10 -14.96 -17.08
C LEU A 656 28.94 -14.69 -18.01
N SER A 657 29.16 -13.83 -19.00
CA SER A 657 28.09 -13.42 -19.91
C SER A 657 27.66 -14.58 -20.80
N ASN A 658 26.43 -14.45 -21.30
CA ASN A 658 25.83 -15.36 -22.27
C ASN A 658 24.65 -14.62 -22.87
N ALA A 659 24.12 -15.11 -24.00
CA ALA A 659 23.00 -14.48 -24.67
C ALA A 659 21.77 -15.39 -24.68
N LYS A 660 21.63 -16.18 -23.61
CA LYS A 660 20.55 -17.16 -23.47
C LYS A 660 19.31 -16.59 -22.73
N LEU A 661 18.54 -15.76 -23.45
CA LEU A 661 17.29 -15.16 -22.97
C LEU A 661 16.24 -16.17 -22.56
N SER A 662 15.42 -15.75 -21.59
CA SER A 662 14.26 -16.47 -21.14
C SER A 662 13.10 -15.50 -21.20
N TYR A 663 11.90 -16.02 -21.49
CA TYR A 663 10.67 -15.22 -21.54
C TYR A 663 9.47 -15.94 -20.90
N TYR A 664 8.69 -15.17 -20.13
CA TYR A 664 7.48 -15.65 -19.49
C TYR A 664 6.63 -14.47 -19.01
N ASP A 665 5.41 -14.37 -19.55
CA ASP A 665 4.42 -13.39 -19.12
C ASP A 665 5.01 -11.99 -19.04
N GLY A 666 5.65 -11.57 -20.13
CA GLY A 666 6.13 -10.21 -20.27
C GLY A 666 7.43 -9.89 -19.56
N MET A 667 8.05 -10.91 -18.97
CA MET A 667 9.38 -10.80 -18.37
C MET A 667 10.41 -11.44 -19.29
N ILE A 668 11.59 -10.84 -19.37
CA ILE A 668 12.72 -11.37 -20.09
C ILE A 668 13.90 -11.43 -19.12
N GLN A 669 14.62 -12.56 -19.12
CA GLN A 669 15.64 -12.81 -18.10
C GLN A 669 16.98 -13.32 -18.64
N LEU A 670 18.05 -12.63 -18.24
CA LEU A 670 19.43 -13.03 -18.46
C LEU A 670 20.02 -13.50 -17.15
N ASN A 671 20.62 -14.69 -17.17
CA ASN A 671 21.33 -15.26 -16.03
C ASN A 671 22.79 -15.57 -16.34
N TYR A 672 23.70 -14.97 -15.56
CA TYR A 672 25.13 -15.21 -15.63
C TYR A 672 25.53 -16.03 -14.41
N ARG A 673 26.29 -17.12 -14.63
CA ARG A 673 26.44 -18.18 -13.64
C ARG A 673 27.86 -18.55 -13.17
N GLY A 674 28.89 -17.97 -13.78
CA GLY A 674 30.26 -18.16 -13.32
C GLY A 674 30.46 -17.56 -11.93
N GLY A 675 31.36 -16.58 -11.82
CA GLY A 675 31.43 -15.70 -10.67
C GLY A 675 32.07 -16.28 -9.42
N THR A 676 32.69 -15.39 -8.65
CA THR A 676 33.63 -15.75 -7.60
C THR A 676 32.94 -16.31 -6.36
N PRO A 677 33.31 -17.53 -5.89
CA PRO A 677 32.83 -18.05 -4.60
C PRO A 677 33.00 -17.08 -3.44
N ASN A 680 29.17 -20.62 3.23
CA ASN A 680 29.22 -20.32 1.81
C ASN A 680 30.20 -21.20 1.04
N GLU A 681 31.16 -21.79 1.77
CA GLU A 681 32.20 -22.64 1.17
C GLU A 681 31.71 -24.06 0.87
N ARG A 682 30.51 -24.15 0.29
CA ARG A 682 30.05 -25.34 -0.41
C ARG A 682 30.70 -25.27 -1.78
N HIS A 683 30.55 -24.11 -2.43
CA HIS A 683 31.07 -23.82 -3.77
C HIS A 683 30.60 -22.43 -4.18
N THR A 684 29.28 -22.21 -4.04
CA THR A 684 28.60 -20.93 -4.30
C THR A 684 29.42 -19.95 -5.11
N PRO A 685 29.59 -20.17 -6.43
CA PRO A 685 30.00 -19.10 -7.34
C PRO A 685 28.86 -18.08 -7.51
N ARG A 686 29.23 -16.80 -7.60
CA ARG A 686 28.30 -15.71 -7.79
C ARG A 686 27.56 -15.81 -9.12
N ALA A 687 26.35 -15.24 -9.14
CA ALA A 687 25.51 -15.15 -10.34
C ALA A 687 24.71 -13.83 -10.33
N THR A 688 24.25 -13.41 -11.51
CA THR A 688 23.48 -12.20 -11.69
C THR A 688 22.17 -12.58 -12.37
N LEU A 689 21.09 -11.92 -11.94
CA LEU A 689 19.81 -11.93 -12.65
C LEU A 689 19.62 -10.54 -13.20
N ILE A 690 19.03 -10.47 -14.40
CA ILE A 690 18.62 -9.23 -15.03
C ILE A 690 17.25 -9.44 -15.64
N THR A 691 16.22 -8.96 -14.95
CA THR A 691 14.86 -9.07 -15.44
C THR A 691 14.59 -7.83 -16.27
N PHE A 692 14.18 -8.05 -17.53
CA PHE A 692 13.80 -6.98 -18.44
C PHE A 692 12.29 -6.90 -18.48
N LEU A 693 11.77 -5.67 -18.42
CA LEU A 693 10.35 -5.41 -18.21
C LEU A 693 9.83 -4.41 -19.22
N CYS A 694 8.67 -4.72 -19.80
CA CYS A 694 8.08 -3.90 -20.84
C CYS A 694 7.62 -2.55 -20.28
N ASP A 695 8.00 -1.49 -20.98
CA ASP A 695 7.54 -0.13 -20.71
C ASP A 695 7.57 0.58 -22.06
N ARG A 696 6.40 0.63 -22.71
CA ARG A 696 6.22 1.19 -24.05
C ARG A 696 7.02 2.47 -24.32
N ASP A 697 7.13 3.34 -23.30
CA ASP A 697 7.77 4.65 -23.45
C ASP A 697 9.05 4.83 -22.62
N ALA A 698 9.58 3.74 -22.08
CA ALA A 698 10.89 3.72 -21.43
C ALA A 698 12.03 3.87 -22.43
N GLY A 699 11.81 3.39 -23.66
CA GLY A 699 12.83 3.32 -24.68
C GLY A 699 13.75 2.14 -24.41
N VAL A 700 15.06 2.39 -24.50
CA VAL A 700 16.08 1.40 -24.16
C VAL A 700 16.16 1.22 -22.66
N GLY A 701 15.99 2.32 -21.92
CA GLY A 701 16.00 2.32 -20.47
C GLY A 701 17.39 2.09 -19.94
N PHE A 702 17.47 1.72 -18.65
CA PHE A 702 18.72 1.58 -17.94
C PHE A 702 18.55 0.57 -16.80
N PRO A 703 19.59 -0.22 -16.45
CA PRO A 703 19.51 -1.15 -15.32
C PRO A 703 19.46 -0.47 -13.96
N GLU A 704 18.76 -1.10 -13.00
CA GLU A 704 18.66 -0.63 -11.61
C GLU A 704 18.91 -1.78 -10.65
N TYR A 705 19.89 -1.64 -9.77
CA TYR A 705 20.28 -2.70 -8.83
C TYR A 705 19.23 -2.91 -7.77
N GLN A 706 18.84 -4.16 -7.56
CA GLN A 706 17.89 -4.53 -6.52
C GLN A 706 18.58 -4.92 -5.22
N GLU A 707 18.54 -3.98 -4.27
CA GLU A 707 18.83 -4.15 -2.84
C GLU A 707 18.40 -5.48 -2.21
N GLU A 708 19.38 -6.30 -1.79
CA GLU A 708 19.14 -7.59 -1.13
C GLU A 708 20.28 -7.89 -0.14
N ASP A 709 20.49 -9.18 0.16
CA ASP A 709 21.74 -9.72 0.72
C ASP A 709 23.00 -9.02 0.21
N ASN A 710 24.09 -9.19 0.97
CA ASN A 710 25.47 -9.03 0.49
C ASN A 710 25.71 -9.89 -0.75
N SER A 711 25.09 -11.06 -0.75
CA SER A 711 25.41 -12.18 -1.62
C SER A 711 24.60 -12.34 -2.93
N THR A 712 23.44 -11.67 -3.04
CA THR A 712 22.53 -11.78 -4.19
C THR A 712 22.57 -10.53 -5.10
N TYR A 713 22.48 -10.73 -6.42
CA TYR A 713 22.67 -9.65 -7.39
C TYR A 713 21.63 -9.64 -8.51
N ASN A 714 20.49 -9.00 -8.24
CA ASN A 714 19.43 -8.82 -9.22
C ASN A 714 19.37 -7.37 -9.69
N PHE A 715 19.33 -7.16 -11.00
CA PHE A 715 19.07 -5.86 -11.60
C PHE A 715 17.74 -5.92 -12.37
N ARG A 716 17.03 -4.78 -12.40
CA ARG A 716 15.85 -4.60 -13.23
C ARG A 716 16.10 -3.64 -14.38
N TRP A 717 15.44 -3.90 -15.51
CA TRP A 717 15.64 -3.11 -16.73
C TRP A 717 14.31 -2.85 -17.45
N TYR A 718 13.73 -1.67 -17.19
CA TYR A 718 12.52 -1.23 -17.85
C TYR A 718 12.91 -0.67 -19.20
N THR A 719 12.29 -1.22 -20.24
CA THR A 719 12.70 -0.99 -21.61
C THR A 719 11.55 -1.40 -22.50
N SER A 720 11.37 -0.70 -23.63
CA SER A 720 10.31 -1.00 -24.59
C SER A 720 10.67 -2.18 -25.52
N TYR A 721 11.90 -2.70 -25.36
CA TYR A 721 12.36 -3.92 -26.03
C TYR A 721 11.72 -5.19 -25.49
N ALA A 722 11.13 -5.10 -24.30
CA ALA A 722 10.41 -6.22 -23.68
C ALA A 722 8.91 -6.19 -24.00
N CYS A 723 8.50 -5.22 -24.85
CA CYS A 723 7.11 -5.04 -25.26
C CYS A 723 6.82 -5.75 -26.58
N PRO A 724 5.57 -6.19 -26.83
CA PRO A 724 5.24 -6.91 -28.07
C PRO A 724 5.61 -6.19 -29.38
N GLU A 725 5.44 -4.85 -29.42
CA GLU A 725 5.65 -4.07 -30.66
C GLU A 725 7.08 -4.19 -31.19
C1 NAG B . -24.54 -4.26 9.94
C2 NAG B . -23.41 -4.75 10.85
C3 NAG B . -23.81 -6.07 11.52
C4 NAG B . -25.18 -5.99 12.19
C5 NAG B . -26.23 -5.33 11.27
C6 NAG B . -27.52 -5.06 12.04
C7 NAG B . -21.19 -4.06 10.03
C8 NAG B . -19.98 -4.48 9.26
N2 NAG B . -22.18 -4.96 10.10
O3 NAG B . -22.85 -6.43 12.53
O4 NAG B . -25.60 -7.32 12.52
O5 NAG B . -25.73 -4.10 10.73
O6 NAG B . -27.96 -6.23 12.73
O7 NAG B . -21.26 -2.95 10.56
#